data_6XVK
#
_entry.id   6XVK
#
_cell.length_a   51.550
_cell.length_b   57.010
_cell.length_c   59.890
_cell.angle_alpha   90.000
_cell.angle_beta   109.730
_cell.angle_gamma   90.000
#
_symmetry.space_group_name_H-M   'P 1 21 1'
#
loop_
_entity.id
_entity.type
_entity.pdbx_description
1 polymer 'Vascular endothelial growth factor receptor 2'
2 non-polymer ~{N}-(4,4-dimethyl-2-prop-1-ynyl-3,1-benzoxazin-6-yl)-2-[3-methoxy-5-(7-methoxyquinolin-4-yl)oxy-pyridin-2-yl]ethanamide
3 water water
#
_entity_poly.entity_id   1
_entity_poly.type   'polypeptide(L)'
_entity_poly.pdbx_seq_one_letter_code
;MDPDELPLDEHCERLPYDASKWEFPRDRLKLGKPLGRGAFGQVIEADAFGIDKTATCRTVAVKMLKEGATHSEHRALMSE
LKILIHIGHHLNVVNLLGACTKPGGPLMVIVEFCKFGNLSTYLRSKRNEFVPYKVAPEDLYKDFLTLEHLICYSFQVAKG
MEFLASRKCIHRDLAARNILLSEKNVVKICDFGLARDIYKDPDYVRKGDARLPLKWMAPETIFDRVYTIQSDVWSFGVLL
WEIFSLGASPYPGVKIDEEFCRRLKEGTRMRAPDYTTPEMYQTMLDCWHGEPSQRPTFSELVEHLGNLLQANAQQDENLY
FQ
;
_entity_poly.pdbx_strand_id   A
#
# COMPACT_ATOMS: atom_id res chain seq x y z
N PRO A 16 9.06 14.87 -16.13
CA PRO A 16 10.49 14.97 -16.45
C PRO A 16 11.43 14.25 -15.47
N TYR A 17 12.72 14.14 -15.85
CA TYR A 17 13.76 13.54 -15.03
C TYR A 17 14.95 14.47 -14.91
N ASP A 18 15.19 14.95 -13.69
CA ASP A 18 16.32 15.80 -13.39
C ASP A 18 17.44 14.94 -12.80
N ALA A 19 18.38 14.52 -13.67
CA ALA A 19 19.52 13.68 -13.30
C ALA A 19 20.43 14.31 -12.24
N SER A 20 20.63 15.63 -12.28
CA SER A 20 21.48 16.36 -11.32
C SER A 20 21.02 16.17 -9.87
N LYS A 21 19.71 16.01 -9.68
CA LYS A 21 19.09 15.78 -8.38
C LYS A 21 18.98 14.30 -8.06
N TRP A 22 18.44 13.48 -8.99
CA TRP A 22 18.09 12.09 -8.70
C TRP A 22 19.09 11.03 -9.05
N GLU A 23 19.99 11.27 -10.01
CA GLU A 23 20.92 10.23 -10.41
C GLU A 23 21.88 9.88 -9.29
N PHE A 24 21.92 8.58 -8.97
CA PHE A 24 22.78 8.01 -7.96
C PHE A 24 23.75 7.03 -8.64
N PRO A 25 25.08 7.18 -8.43
CA PRO A 25 26.03 6.26 -9.10
C PRO A 25 25.83 4.82 -8.63
N ARG A 26 25.71 3.88 -9.58
CA ARG A 26 25.49 2.45 -9.35
C ARG A 26 26.53 1.84 -8.37
N ASP A 27 27.79 2.30 -8.45
CA ASP A 27 28.91 1.87 -7.62
C ASP A 27 28.75 2.24 -6.14
N ARG A 28 27.97 3.30 -5.83
CA ARG A 28 27.70 3.77 -4.47
C ARG A 28 26.53 3.02 -3.82
N LEU A 29 26.00 2.04 -4.55
CA LEU A 29 24.89 1.19 -4.14
C LEU A 29 25.40 -0.25 -4.08
N LYS A 30 25.29 -0.85 -2.88
CA LYS A 30 25.70 -2.21 -2.56
C LYS A 30 24.43 -3.09 -2.40
N LEU A 31 24.07 -3.85 -3.46
CA LEU A 31 22.89 -4.75 -3.51
C LEU A 31 22.94 -5.91 -2.52
N GLY A 32 21.77 -6.25 -1.96
CA GLY A 32 21.62 -7.30 -0.97
C GLY A 32 20.50 -8.29 -1.24
N LYS A 33 19.84 -8.76 -0.16
CA LYS A 33 18.79 -9.77 -0.21
C LYS A 33 17.48 -9.32 -0.89
N PRO A 34 16.80 -10.24 -1.63
CA PRO A 34 15.50 -9.89 -2.23
C PRO A 34 14.44 -9.59 -1.17
N LEU A 35 13.58 -8.61 -1.46
CA LEU A 35 12.53 -8.17 -0.53
C LEU A 35 11.14 -8.54 -1.04
N GLY A 36 11.01 -8.63 -2.34
CA GLY A 36 9.78 -9.00 -3.05
C GLY A 36 10.17 -9.36 -4.46
N ARG A 37 9.72 -10.51 -4.95
CA ARG A 37 10.05 -10.93 -6.31
C ARG A 37 8.82 -11.21 -7.17
N GLY A 38 8.84 -10.65 -8.37
CA GLY A 38 7.81 -10.83 -9.39
C GLY A 38 8.34 -11.66 -10.53
N ALA A 39 7.65 -11.68 -11.67
CA ALA A 39 8.14 -12.43 -12.84
C ALA A 39 9.14 -11.57 -13.64
N PHE A 40 8.86 -10.26 -13.75
CA PHE A 40 9.66 -9.31 -14.54
C PHE A 40 10.32 -8.21 -13.72
N GLY A 41 9.84 -8.01 -12.49
CA GLY A 41 10.37 -6.99 -11.58
C GLY A 41 10.70 -7.59 -10.24
N GLN A 42 11.39 -6.83 -9.42
CA GLN A 42 11.76 -7.26 -8.06
C GLN A 42 12.19 -6.07 -7.23
N VAL A 43 12.06 -6.19 -5.91
CA VAL A 43 12.52 -5.19 -4.95
C VAL A 43 13.62 -5.85 -4.15
N ILE A 44 14.78 -5.19 -4.08
CA ILE A 44 15.97 -5.71 -3.39
C ILE A 44 16.41 -4.75 -2.27
N GLU A 45 16.91 -5.29 -1.16
CA GLU A 45 17.48 -4.48 -0.08
C GLU A 45 18.88 -4.07 -0.58
N ALA A 46 19.32 -2.84 -0.27
CA ALA A 46 20.65 -2.37 -0.63
C ALA A 46 21.21 -1.39 0.39
N ASP A 47 22.52 -1.15 0.31
CA ASP A 47 23.26 -0.21 1.13
C ASP A 47 23.73 0.93 0.21
N ALA A 48 23.12 2.12 0.37
CA ALA A 48 23.47 3.30 -0.40
C ALA A 48 24.42 4.24 0.40
N PHE A 49 25.57 4.62 -0.19
CA PHE A 49 26.50 5.54 0.45
C PHE A 49 26.23 6.99 0.02
N GLY A 50 25.81 7.81 0.98
CA GLY A 50 25.53 9.24 0.83
C GLY A 50 24.38 9.65 -0.08
N ILE A 51 23.35 8.79 -0.20
CA ILE A 51 22.16 9.03 -1.02
C ILE A 51 21.34 10.24 -0.53
N ASP A 52 21.36 10.48 0.79
CA ASP A 52 20.63 11.50 1.52
C ASP A 52 21.62 12.44 2.23
N LYS A 53 21.94 12.19 3.52
CA LYS A 53 22.91 12.97 4.28
C LYS A 53 24.33 12.60 3.82
N THR A 54 25.13 13.61 3.50
CA THR A 54 26.51 13.50 3.02
C THR A 54 27.33 12.42 3.75
N ALA A 55 28.01 11.54 2.96
CA ALA A 55 28.88 10.44 3.41
C ALA A 55 28.27 9.52 4.49
N THR A 56 26.98 9.19 4.36
CA THR A 56 26.30 8.33 5.32
C THR A 56 25.72 7.08 4.67
N CYS A 57 26.02 5.90 5.23
CA CYS A 57 25.45 4.61 4.82
C CYS A 57 23.97 4.60 5.18
N ARG A 58 23.14 4.03 4.30
CA ARG A 58 21.71 3.94 4.53
C ARG A 58 21.13 2.71 3.85
N THR A 59 20.30 1.96 4.59
CA THR A 59 19.58 0.81 4.05
C THR A 59 18.45 1.37 3.19
N VAL A 60 18.34 0.83 1.96
CA VAL A 60 17.35 1.25 0.97
C VAL A 60 16.73 0.01 0.33
N ALA A 61 15.62 0.23 -0.38
CA ALA A 61 14.91 -0.80 -1.14
C ALA A 61 14.96 -0.32 -2.59
N VAL A 62 15.35 -1.22 -3.48
CA VAL A 62 15.55 -0.90 -4.91
C VAL A 62 14.59 -1.69 -5.78
N LYS A 63 13.86 -1.01 -6.67
CA LYS A 63 12.97 -1.67 -7.63
C LYS A 63 13.69 -1.66 -8.97
N MET A 64 13.75 -2.84 -9.56
CA MET A 64 14.43 -3.05 -10.83
C MET A 64 13.79 -4.24 -11.54
N LEU A 65 14.16 -4.44 -12.80
CA LEU A 65 13.65 -5.54 -13.59
C LEU A 65 14.55 -6.74 -13.49
N LYS A 66 14.04 -7.93 -13.89
CA LYS A 66 14.77 -9.20 -13.86
C LYS A 66 14.63 -9.96 -15.18
N GLU A 67 15.24 -11.17 -15.27
CA GLU A 67 15.21 -12.01 -16.47
C GLU A 67 13.77 -12.27 -16.89
N GLY A 68 13.48 -11.97 -18.15
CA GLY A 68 12.14 -12.11 -18.71
C GLY A 68 11.53 -10.78 -19.10
N ALA A 69 11.93 -9.69 -18.39
CA ALA A 69 11.46 -8.32 -18.64
C ALA A 69 11.80 -7.83 -20.03
N THR A 70 10.94 -6.98 -20.57
CA THR A 70 11.10 -6.46 -21.93
C THR A 70 11.20 -4.94 -21.89
N HIS A 71 11.42 -4.30 -23.07
CA HIS A 71 11.47 -2.83 -23.19
C HIS A 71 10.19 -2.17 -22.60
N SER A 72 9.00 -2.83 -22.72
CA SER A 72 7.74 -2.30 -22.20
C SER A 72 7.72 -2.17 -20.66
N GLU A 73 8.30 -3.17 -19.92
CA GLU A 73 8.44 -3.13 -18.45
C GLU A 73 9.47 -2.04 -18.09
N HIS A 74 10.54 -1.90 -18.91
CA HIS A 74 11.55 -0.87 -18.74
C HIS A 74 10.91 0.53 -18.82
N ARG A 75 10.00 0.72 -19.81
CA ARG A 75 9.23 1.96 -20.01
C ARG A 75 8.30 2.21 -18.82
N ALA A 76 7.60 1.16 -18.35
CA ALA A 76 6.67 1.27 -17.22
C ALA A 76 7.40 1.70 -15.93
N LEU A 77 8.63 1.17 -15.71
CA LEU A 77 9.45 1.46 -14.55
C LEU A 77 9.96 2.92 -14.57
N MET A 78 10.19 3.48 -15.76
CA MET A 78 10.63 4.87 -15.95
C MET A 78 9.47 5.82 -15.64
N SER A 79 8.26 5.45 -16.09
CA SER A 79 7.02 6.19 -15.80
C SER A 79 6.78 6.23 -14.29
N GLU A 80 6.92 5.09 -13.61
CA GLU A 80 6.75 5.04 -12.16
C GLU A 80 7.73 5.97 -11.43
N LEU A 81 9.00 5.98 -11.87
CA LEU A 81 10.03 6.85 -11.33
C LEU A 81 9.62 8.31 -11.52
N LYS A 82 9.12 8.66 -12.70
CA LYS A 82 8.72 10.04 -13.00
C LYS A 82 7.48 10.44 -12.18
N ILE A 83 6.57 9.48 -11.92
CA ILE A 83 5.38 9.72 -11.10
C ILE A 83 5.79 9.99 -9.65
N LEU A 84 6.76 9.19 -9.11
CA LEU A 84 7.26 9.36 -7.74
C LEU A 84 8.00 10.67 -7.58
N ILE A 85 8.66 11.14 -8.66
CA ILE A 85 9.33 12.43 -8.66
C ILE A 85 8.26 13.51 -8.50
N HIS A 86 7.23 13.49 -9.36
CA HIS A 86 6.09 14.40 -9.36
C HIS A 86 5.34 14.43 -8.01
N ILE A 87 5.18 13.26 -7.35
CA ILE A 87 4.50 13.15 -6.06
C ILE A 87 5.20 14.00 -4.97
N GLY A 88 6.49 13.73 -4.75
CA GLY A 88 7.28 14.38 -3.73
C GLY A 88 7.29 13.64 -2.42
N HIS A 89 7.65 14.34 -1.34
CA HIS A 89 7.74 13.75 -0.03
C HIS A 89 6.51 13.92 0.85
N HIS A 90 6.16 12.83 1.53
CA HIS A 90 5.13 12.72 2.55
C HIS A 90 5.52 11.54 3.43
N LEU A 91 5.31 11.71 4.73
CA LEU A 91 5.62 10.73 5.76
C LEU A 91 4.94 9.39 5.51
N ASN A 92 3.75 9.41 4.89
CA ASN A 92 2.96 8.19 4.68
C ASN A 92 2.92 7.70 3.25
N VAL A 93 3.89 8.12 2.43
CA VAL A 93 4.11 7.67 1.04
C VAL A 93 5.57 7.23 1.05
N VAL A 94 5.90 6.04 0.50
CA VAL A 94 7.30 5.63 0.45
C VAL A 94 8.15 6.75 -0.24
N ASN A 95 9.28 7.11 0.39
CA ASN A 95 10.06 8.25 -0.12
C ASN A 95 11.11 7.87 -1.14
N LEU A 96 11.05 8.51 -2.32
CA LEU A 96 12.00 8.33 -3.39
C LEU A 96 13.31 8.99 -2.99
N LEU A 97 14.39 8.21 -3.00
CA LEU A 97 15.75 8.67 -2.66
C LEU A 97 16.62 8.95 -3.88
N GLY A 98 16.42 8.20 -4.96
CA GLY A 98 17.20 8.39 -6.17
C GLY A 98 16.95 7.30 -7.21
N ALA A 99 17.76 7.32 -8.27
CA ALA A 99 17.65 6.38 -9.39
C ALA A 99 18.96 6.20 -10.16
N CYS A 100 19.11 5.02 -10.74
CA CYS A 100 20.22 4.66 -11.63
C CYS A 100 19.52 4.50 -12.99
N THR A 101 19.67 5.50 -13.87
CA THR A 101 19.01 5.51 -15.20
C THR A 101 20.04 5.51 -16.36
N LYS A 102 21.34 5.69 -16.06
CA LYS A 102 22.41 5.75 -17.05
C LYS A 102 22.52 4.48 -17.91
N PRO A 103 22.90 4.60 -19.21
CA PRO A 103 23.04 3.39 -20.04
C PRO A 103 24.15 2.45 -19.55
N GLY A 104 24.05 1.18 -19.96
CA GLY A 104 25.05 0.17 -19.64
C GLY A 104 24.81 -0.57 -18.34
N GLY A 105 23.70 -0.23 -17.69
CA GLY A 105 23.25 -0.83 -16.45
C GLY A 105 21.74 -0.84 -16.38
N PRO A 106 21.13 -1.71 -15.53
CA PRO A 106 19.66 -1.72 -15.42
C PRO A 106 19.09 -0.48 -14.72
N LEU A 107 17.86 -0.12 -15.08
CA LEU A 107 17.12 0.98 -14.44
C LEU A 107 16.80 0.55 -13.01
N MET A 108 17.08 1.45 -12.05
CA MET A 108 16.86 1.18 -10.63
C MET A 108 16.18 2.36 -9.97
N VAL A 109 15.10 2.10 -9.24
CA VAL A 109 14.30 3.10 -8.51
C VAL A 109 14.57 2.84 -6.99
N ILE A 110 15.14 3.83 -6.32
CA ILE A 110 15.60 3.68 -4.94
C ILE A 110 14.76 4.47 -3.97
N VAL A 111 14.27 3.77 -2.94
CA VAL A 111 13.40 4.32 -1.92
C VAL A 111 13.88 3.97 -0.52
N GLU A 112 13.37 4.69 0.48
CA GLU A 112 13.68 4.45 1.89
C GLU A 112 13.20 3.02 2.27
N PHE A 113 14.00 2.28 3.04
CA PHE A 113 13.69 0.93 3.48
C PHE A 113 12.67 0.98 4.63
N CYS A 114 11.65 0.11 4.55
CA CYS A 114 10.59 -0.01 5.57
C CYS A 114 10.75 -1.37 6.23
N LYS A 115 11.48 -1.35 7.36
CA LYS A 115 11.91 -2.50 8.17
C LYS A 115 10.94 -3.69 8.27
N PHE A 116 9.66 -3.41 8.57
CA PHE A 116 8.69 -4.46 8.86
C PHE A 116 7.96 -5.05 7.65
N GLY A 117 8.18 -4.46 6.47
CA GLY A 117 7.56 -4.94 5.26
C GLY A 117 6.09 -4.61 5.19
N ASN A 118 5.37 -5.34 4.33
CA ASN A 118 3.96 -5.12 4.06
C ASN A 118 3.09 -5.35 5.29
N LEU A 119 2.08 -4.48 5.43
CA LEU A 119 1.14 -4.44 6.54
C LEU A 119 0.29 -5.70 6.69
N SER A 120 -0.11 -6.34 5.56
CA SER A 120 -0.93 -7.55 5.59
C SER A 120 -0.23 -8.69 6.32
N THR A 121 1.04 -8.97 5.98
CA THR A 121 1.84 -10.05 6.61
C THR A 121 2.12 -9.69 8.07
N TYR A 122 2.44 -8.41 8.31
CA TYR A 122 2.72 -7.89 9.64
C TYR A 122 1.54 -8.06 10.60
N LEU A 123 0.34 -7.61 10.20
CA LEU A 123 -0.84 -7.73 11.06
C LEU A 123 -1.16 -9.20 11.40
N ARG A 124 -1.09 -10.06 10.37
CA ARG A 124 -1.34 -11.50 10.46
C ARG A 124 -0.36 -12.18 11.44
N SER A 125 0.94 -11.77 11.40
CA SER A 125 1.99 -12.29 12.28
C SER A 125 1.80 -11.85 13.75
N LYS A 126 1.15 -10.69 13.96
CA LYS A 126 0.95 -10.11 15.29
C LYS A 126 -0.49 -10.26 15.84
N ARG A 127 -1.34 -11.03 15.11
CA ARG A 127 -2.74 -11.31 15.44
C ARG A 127 -2.93 -11.86 16.87
N ASN A 128 -1.99 -12.71 17.33
CA ASN A 128 -2.03 -13.30 18.67
C ASN A 128 -1.66 -12.27 19.75
N GLU A 129 -0.80 -11.30 19.40
CA GLU A 129 -0.32 -10.25 20.31
C GLU A 129 -1.24 -9.01 20.29
N PHE A 130 -2.54 -9.19 19.98
CA PHE A 130 -3.50 -8.08 19.94
C PHE A 130 -4.34 -8.00 21.20
N VAL A 131 -4.39 -6.80 21.78
CA VAL A 131 -5.19 -6.45 22.95
C VAL A 131 -5.93 -5.15 22.62
N PRO A 132 -7.29 -5.10 22.63
CA PRO A 132 -7.99 -3.84 22.25
C PRO A 132 -7.49 -2.58 22.96
N TYR A 133 -7.27 -2.67 24.29
CA TYR A 133 -6.79 -1.55 25.10
C TYR A 133 -5.73 -2.04 26.09
N LYS A 134 -4.64 -1.27 26.25
CA LYS A 134 -3.59 -1.57 27.22
C LYS A 134 -3.95 -0.92 28.58
N VAL A 135 -4.86 -1.57 29.33
CA VAL A 135 -5.34 -1.07 30.64
C VAL A 135 -4.55 -1.71 31.82
N ALA A 136 -4.14 -2.99 31.66
CA ALA A 136 -3.41 -3.74 32.69
C ALA A 136 -2.08 -3.10 33.12
N PRO A 137 -1.82 -2.98 34.45
CA PRO A 137 -0.55 -2.36 34.89
C PRO A 137 0.70 -3.19 34.59
N GLU A 138 0.56 -4.53 34.57
CA GLU A 138 1.61 -5.50 34.27
C GLU A 138 2.01 -5.48 32.79
N ASP A 139 1.04 -5.16 31.90
CA ASP A 139 1.20 -5.07 30.45
C ASP A 139 1.87 -3.79 29.96
N LEU A 140 2.18 -2.86 30.89
CA LEU A 140 2.78 -1.55 30.64
C LEU A 140 4.02 -1.55 29.73
N TYR A 141 4.93 -2.53 29.89
CA TYR A 141 6.18 -2.61 29.14
C TYR A 141 6.21 -3.72 28.07
N LYS A 142 5.07 -3.98 27.40
CA LYS A 142 4.97 -5.00 26.36
C LYS A 142 4.54 -4.40 25.01
N ASP A 143 5.23 -4.78 23.91
CA ASP A 143 5.00 -4.28 22.56
C ASP A 143 3.83 -4.99 21.84
N PHE A 144 2.59 -4.78 22.34
CA PHE A 144 1.38 -5.38 21.76
C PHE A 144 0.65 -4.43 20.80
N LEU A 145 -0.17 -5.01 19.91
CA LEU A 145 -1.01 -4.28 18.97
C LEU A 145 -2.32 -3.94 19.65
N THR A 146 -2.71 -2.66 19.59
CA THR A 146 -3.93 -2.19 20.22
C THR A 146 -4.87 -1.57 19.20
N LEU A 147 -6.11 -1.21 19.63
CA LEU A 147 -7.07 -0.53 18.74
C LEU A 147 -6.53 0.83 18.35
N GLU A 148 -5.74 1.47 19.25
CA GLU A 148 -5.07 2.75 18.99
C GLU A 148 -4.13 2.60 17.79
N HIS A 149 -3.32 1.51 17.76
CA HIS A 149 -2.37 1.19 16.68
C HIS A 149 -3.09 1.03 15.33
N LEU A 150 -4.22 0.29 15.33
CA LEU A 150 -5.00 0.01 14.14
C LEU A 150 -5.70 1.24 13.58
N ILE A 151 -6.22 2.11 14.49
CA ILE A 151 -6.84 3.39 14.14
C ILE A 151 -5.72 4.31 13.59
N CYS A 152 -4.53 4.30 14.25
CA CYS A 152 -3.38 5.11 13.83
C CYS A 152 -2.93 4.76 12.43
N TYR A 153 -2.89 3.45 12.06
CA TYR A 153 -2.47 3.01 10.71
C TYR A 153 -3.46 3.44 9.67
N SER A 154 -4.76 3.28 10.00
CA SER A 154 -5.91 3.65 9.19
C SER A 154 -5.86 5.16 8.89
N PHE A 155 -5.59 5.98 9.94
CA PHE A 155 -5.48 7.44 9.87
C PHE A 155 -4.24 7.86 9.04
N GLN A 156 -3.10 7.17 9.24
CA GLN A 156 -1.87 7.47 8.50
C GLN A 156 -2.03 7.15 6.99
N VAL A 157 -2.70 6.03 6.65
CA VAL A 157 -2.92 5.68 5.23
C VAL A 157 -3.79 6.77 4.58
N ALA A 158 -4.86 7.22 5.29
CA ALA A 158 -5.76 8.30 4.87
C ALA A 158 -5.00 9.63 4.63
N LYS A 159 -4.00 9.97 5.51
CA LYS A 159 -3.17 11.19 5.35
C LYS A 159 -2.29 11.07 4.09
N GLY A 160 -1.73 9.88 3.87
CA GLY A 160 -0.94 9.55 2.69
C GLY A 160 -1.78 9.63 1.41
N MET A 161 -3.00 9.05 1.45
CA MET A 161 -3.95 9.05 0.33
C MET A 161 -4.51 10.45 0.01
N GLU A 162 -4.66 11.30 1.05
CA GLU A 162 -5.11 12.71 0.92
C GLU A 162 -4.00 13.51 0.20
N PHE A 163 -2.73 13.29 0.60
CA PHE A 163 -1.57 13.93 -0.01
C PHE A 163 -1.46 13.55 -1.48
N LEU A 164 -1.59 12.24 -1.74
CA LEU A 164 -1.50 11.67 -3.09
C LEU A 164 -2.65 12.16 -3.99
N ALA A 165 -3.86 12.35 -3.40
CA ALA A 165 -5.03 12.89 -4.07
C ALA A 165 -4.77 14.33 -4.53
N SER A 166 -4.10 15.13 -3.67
CA SER A 166 -3.74 16.53 -3.96
C SER A 166 -2.70 16.63 -5.07
N ARG A 167 -1.95 15.54 -5.33
CA ARG A 167 -0.95 15.45 -6.40
C ARG A 167 -1.57 14.95 -7.73
N LYS A 168 -2.91 14.72 -7.71
CA LYS A 168 -3.78 14.26 -8.82
C LYS A 168 -3.50 12.81 -9.24
N CYS A 169 -2.95 12.02 -8.31
CA CYS A 169 -2.61 10.62 -8.53
C CYS A 169 -3.77 9.73 -8.18
N ILE A 170 -3.83 8.56 -8.83
CA ILE A 170 -4.78 7.49 -8.55
C ILE A 170 -3.90 6.23 -8.38
N HIS A 171 -4.12 5.49 -7.28
CA HIS A 171 -3.29 4.34 -6.95
C HIS A 171 -3.54 3.12 -7.83
N ARG A 172 -4.82 2.65 -7.89
CA ARG A 172 -5.34 1.50 -8.67
C ARG A 172 -5.10 0.14 -8.01
N ASP A 173 -4.31 0.09 -6.94
CA ASP A 173 -4.04 -1.17 -6.23
C ASP A 173 -3.81 -0.95 -4.72
N LEU A 174 -4.68 -0.13 -4.10
CA LEU A 174 -4.62 0.11 -2.65
C LEU A 174 -5.13 -1.15 -1.93
N ALA A 175 -4.32 -1.63 -0.98
CA ALA A 175 -4.53 -2.86 -0.23
C ALA A 175 -3.43 -2.90 0.81
N ALA A 176 -3.61 -3.74 1.85
CA ALA A 176 -2.61 -3.86 2.91
C ALA A 176 -1.26 -4.42 2.39
N ARG A 177 -1.28 -5.25 1.30
CA ARG A 177 -0.07 -5.78 0.67
C ARG A 177 0.78 -4.62 0.07
N ASN A 178 0.13 -3.49 -0.25
CA ASN A 178 0.79 -2.30 -0.76
C ASN A 178 0.92 -1.19 0.28
N ILE A 179 1.03 -1.58 1.57
CA ILE A 179 1.29 -0.65 2.66
C ILE A 179 2.49 -1.22 3.35
N LEU A 180 3.47 -0.37 3.70
CA LEU A 180 4.63 -0.88 4.41
C LEU A 180 4.70 -0.29 5.80
N LEU A 181 5.32 -1.03 6.70
CA LEU A 181 5.54 -0.58 8.06
C LEU A 181 7.01 -0.31 8.29
N SER A 182 7.30 0.93 8.69
CA SER A 182 8.63 1.41 9.00
C SER A 182 8.74 1.47 10.52
N GLU A 183 9.77 2.14 11.04
CA GLU A 183 9.98 2.28 12.48
C GLU A 183 9.00 3.31 13.09
N LYS A 184 8.86 3.27 14.42
CA LYS A 184 8.00 4.15 15.24
C LYS A 184 6.54 4.18 14.75
N ASN A 185 6.02 3.01 14.34
CA ASN A 185 4.69 2.72 13.80
C ASN A 185 4.26 3.65 12.64
N VAL A 186 5.22 4.03 11.79
CA VAL A 186 4.97 4.84 10.61
C VAL A 186 4.65 3.93 9.41
N VAL A 187 3.47 4.09 8.83
CA VAL A 187 3.06 3.30 7.66
C VAL A 187 3.23 4.13 6.40
N LYS A 188 3.62 3.47 5.29
CA LYS A 188 3.88 4.11 4.01
C LYS A 188 3.18 3.42 2.83
N ILE A 189 2.48 4.20 2.02
CA ILE A 189 1.85 3.68 0.83
C ILE A 189 2.98 3.37 -0.19
N CYS A 190 2.88 2.23 -0.88
CA CYS A 190 3.82 1.78 -1.90
C CYS A 190 3.05 1.11 -3.05
N ASP A 191 3.80 0.53 -4.01
CA ASP A 191 3.19 -0.24 -5.10
C ASP A 191 4.20 -1.21 -5.65
N PHE A 192 4.17 -2.45 -5.16
CA PHE A 192 5.10 -3.48 -5.63
C PHE A 192 5.04 -3.63 -7.15
N GLY A 193 3.83 -3.58 -7.73
CA GLY A 193 3.60 -3.66 -9.17
C GLY A 193 4.22 -4.88 -9.80
N LEU A 194 5.27 -4.67 -10.61
CA LEU A 194 6.04 -5.71 -11.30
C LEU A 194 6.88 -6.57 -10.36
N ALA A 195 7.12 -6.08 -9.11
CA ALA A 195 7.83 -6.78 -8.03
C ALA A 195 6.95 -7.76 -7.25
N ARG A 196 5.75 -8.03 -7.77
CA ARG A 196 4.83 -9.05 -7.28
C ARG A 196 4.50 -9.92 -8.50
N ASP A 197 4.49 -11.25 -8.34
CA ASP A 197 4.14 -12.12 -9.47
C ASP A 197 2.62 -12.30 -9.39
N ILE A 198 1.86 -11.40 -10.05
CA ILE A 198 0.39 -11.38 -10.04
C ILE A 198 -0.22 -12.64 -10.69
N TYR A 199 0.51 -13.28 -11.62
CA TYR A 199 0.04 -14.50 -12.27
C TYR A 199 0.19 -15.73 -11.34
N LYS A 200 0.99 -15.60 -10.26
CA LYS A 200 1.21 -16.63 -9.25
C LYS A 200 0.43 -16.33 -7.96
N ASP A 201 0.10 -15.05 -7.73
CA ASP A 201 -0.58 -14.49 -6.57
C ASP A 201 -2.11 -14.72 -6.54
N PRO A 202 -2.67 -15.17 -5.39
CA PRO A 202 -4.13 -15.44 -5.32
C PRO A 202 -5.00 -14.18 -5.18
N ASP A 203 -4.44 -13.04 -4.74
CA ASP A 203 -5.17 -11.77 -4.63
C ASP A 203 -5.52 -11.20 -6.01
N TYR A 204 -4.96 -11.79 -7.09
CA TYR A 204 -5.19 -11.33 -8.46
C TYR A 204 -5.94 -12.38 -9.25
N VAL A 205 -7.14 -12.01 -9.73
CA VAL A 205 -8.02 -12.90 -10.48
C VAL A 205 -8.08 -12.51 -11.96
N ARG A 206 -8.05 -13.53 -12.83
CA ARG A 206 -8.14 -13.44 -14.28
C ARG A 206 -9.49 -12.84 -14.74
N LYS A 207 -9.42 -11.67 -15.42
CA LYS A 207 -10.57 -10.96 -16.00
C LYS A 207 -10.11 -10.41 -17.33
N GLY A 208 -10.62 -11.03 -18.40
CA GLY A 208 -10.23 -10.68 -19.77
C GLY A 208 -8.82 -11.15 -20.04
N ASP A 209 -7.96 -10.26 -20.54
CA ASP A 209 -6.56 -10.60 -20.79
C ASP A 209 -5.62 -10.28 -19.61
N ALA A 210 -6.18 -9.85 -18.45
CA ALA A 210 -5.35 -9.49 -17.29
C ALA A 210 -5.76 -10.13 -15.95
N ARG A 211 -4.85 -10.03 -14.95
CA ARG A 211 -4.99 -10.49 -13.57
C ARG A 211 -5.21 -9.25 -12.71
N LEU A 212 -6.46 -9.00 -12.28
CA LEU A 212 -6.83 -7.82 -11.51
C LEU A 212 -7.06 -8.13 -10.02
N PRO A 213 -6.80 -7.17 -9.09
CA PRO A 213 -7.09 -7.42 -7.66
C PRO A 213 -8.59 -7.25 -7.39
N LEU A 214 -9.41 -8.18 -7.89
CA LEU A 214 -10.88 -8.11 -7.84
C LEU A 214 -11.48 -7.76 -6.46
N LYS A 215 -11.03 -8.39 -5.35
CA LYS A 215 -11.59 -8.15 -4.01
C LYS A 215 -11.42 -6.73 -3.43
N TRP A 216 -10.54 -5.91 -4.02
CA TRP A 216 -10.28 -4.54 -3.57
C TRP A 216 -10.95 -3.51 -4.49
N MET A 217 -11.34 -3.95 -5.70
CA MET A 217 -11.93 -3.11 -6.74
C MET A 217 -13.39 -2.72 -6.53
N ALA A 218 -13.67 -1.43 -6.79
CA ALA A 218 -15.00 -0.82 -6.74
C ALA A 218 -15.87 -1.39 -7.90
N PRO A 219 -17.22 -1.44 -7.79
CA PRO A 219 -18.04 -2.00 -8.90
C PRO A 219 -17.90 -1.31 -10.27
N GLU A 220 -17.63 0.00 -10.28
CA GLU A 220 -17.45 0.77 -11.53
C GLU A 220 -16.08 0.46 -12.18
N THR A 221 -15.21 -0.26 -11.47
CA THR A 221 -13.90 -0.65 -11.96
C THR A 221 -13.94 -2.07 -12.54
N ILE A 222 -14.68 -2.99 -11.88
CA ILE A 222 -14.84 -4.37 -12.31
C ILE A 222 -15.52 -4.46 -13.71
N PHE A 223 -16.58 -3.67 -13.92
CA PHE A 223 -17.33 -3.69 -15.18
C PHE A 223 -16.94 -2.60 -16.19
N ASP A 224 -16.71 -1.34 -15.74
CA ASP A 224 -16.42 -0.23 -16.67
C ASP A 224 -14.93 0.14 -16.80
N ARG A 225 -14.01 -0.52 -16.04
CA ARG A 225 -12.55 -0.26 -16.01
C ARG A 225 -12.23 1.24 -15.69
N VAL A 226 -13.11 1.87 -14.87
CA VAL A 226 -13.05 3.26 -14.40
C VAL A 226 -12.31 3.33 -13.05
N TYR A 227 -11.12 3.94 -13.08
CA TYR A 227 -10.27 4.13 -11.91
C TYR A 227 -10.27 5.63 -11.58
N THR A 228 -10.67 5.96 -10.34
CA THR A 228 -10.75 7.34 -9.82
C THR A 228 -10.22 7.39 -8.37
N ILE A 229 -10.09 8.60 -7.78
CA ILE A 229 -9.69 8.74 -6.39
C ILE A 229 -10.76 8.11 -5.44
N GLN A 230 -12.05 8.14 -5.86
CA GLN A 230 -13.17 7.57 -5.11
C GLN A 230 -13.21 6.03 -5.20
N SER A 231 -12.65 5.44 -6.29
CA SER A 231 -12.53 3.98 -6.39
C SER A 231 -11.36 3.50 -5.50
N ASP A 232 -10.40 4.42 -5.20
CA ASP A 232 -9.28 4.21 -4.28
C ASP A 232 -9.86 4.23 -2.84
N VAL A 233 -10.89 5.07 -2.59
CA VAL A 233 -11.65 5.17 -1.31
C VAL A 233 -12.32 3.82 -1.03
N TRP A 234 -12.88 3.16 -2.09
CA TRP A 234 -13.52 1.85 -1.97
C TRP A 234 -12.46 0.84 -1.51
N SER A 235 -11.28 0.84 -2.17
CA SER A 235 -10.13 -0.02 -1.87
C SER A 235 -9.67 0.24 -0.45
N PHE A 236 -9.69 1.52 -0.04
CA PHE A 236 -9.33 1.96 1.31
C PHE A 236 -10.27 1.30 2.33
N GLY A 237 -11.56 1.23 2.02
CA GLY A 237 -12.56 0.55 2.86
C GLY A 237 -12.22 -0.92 3.03
N VAL A 238 -11.76 -1.58 1.94
CA VAL A 238 -11.30 -2.99 1.92
C VAL A 238 -10.02 -3.13 2.76
N LEU A 239 -9.12 -2.14 2.66
CA LEU A 239 -7.88 -2.08 3.43
C LEU A 239 -8.22 -1.99 4.94
N LEU A 240 -9.23 -1.18 5.30
CA LEU A 240 -9.73 -1.04 6.70
C LEU A 240 -10.23 -2.39 7.19
N TRP A 241 -10.90 -3.16 6.31
CA TRP A 241 -11.37 -4.49 6.67
C TRP A 241 -10.14 -5.37 6.94
N GLU A 242 -9.10 -5.27 6.09
CA GLU A 242 -7.85 -6.03 6.28
C GLU A 242 -7.18 -5.72 7.60
N ILE A 243 -7.16 -4.44 7.99
CA ILE A 243 -6.54 -3.96 9.22
C ILE A 243 -7.27 -4.53 10.44
N PHE A 244 -8.60 -4.30 10.50
CA PHE A 244 -9.43 -4.73 11.63
C PHE A 244 -9.85 -6.21 11.58
N SER A 245 -9.26 -6.99 10.66
CA SER A 245 -9.39 -8.46 10.58
C SER A 245 -8.01 -9.04 10.94
N LEU A 246 -7.03 -8.13 11.15
CA LEU A 246 -5.63 -8.42 11.46
C LEU A 246 -4.98 -9.27 10.36
N GLY A 247 -5.06 -8.75 9.15
CA GLY A 247 -4.47 -9.34 7.96
C GLY A 247 -5.18 -10.52 7.32
N ALA A 248 -6.51 -10.66 7.49
CA ALA A 248 -7.24 -11.74 6.82
C ALA A 248 -7.53 -11.36 5.37
N SER A 249 -7.78 -12.35 4.52
CA SER A 249 -8.11 -12.14 3.11
C SER A 249 -9.60 -11.74 3.00
N PRO A 250 -9.93 -10.66 2.24
CA PRO A 250 -11.35 -10.25 2.11
C PRO A 250 -12.30 -11.30 1.52
N TYR A 251 -13.62 -11.08 1.72
CA TYR A 251 -14.72 -11.96 1.27
C TYR A 251 -14.43 -13.45 1.63
N PRO A 252 -14.16 -13.79 2.92
CA PRO A 252 -13.82 -15.18 3.25
C PRO A 252 -14.88 -16.20 2.86
N GLY A 253 -14.43 -17.27 2.22
CA GLY A 253 -15.28 -18.37 1.77
C GLY A 253 -16.03 -18.11 0.48
N VAL A 254 -15.96 -16.88 -0.06
CA VAL A 254 -16.64 -16.44 -1.27
C VAL A 254 -15.79 -16.77 -2.50
N LYS A 255 -16.40 -17.41 -3.51
CA LYS A 255 -15.77 -17.73 -4.78
C LYS A 255 -15.76 -16.43 -5.57
N ILE A 256 -14.59 -16.02 -6.08
CA ILE A 256 -14.51 -14.77 -6.83
C ILE A 256 -14.80 -15.03 -8.31
N ASP A 257 -16.11 -14.97 -8.65
CA ASP A 257 -16.65 -15.20 -10.00
C ASP A 257 -17.74 -14.18 -10.38
N GLU A 258 -18.47 -14.45 -11.48
CA GLU A 258 -19.55 -13.61 -12.00
C GLU A 258 -20.69 -13.35 -10.98
N GLU A 259 -21.03 -14.35 -10.15
CA GLU A 259 -22.07 -14.25 -9.11
C GLU A 259 -21.63 -13.27 -8.00
N PHE A 260 -20.32 -13.24 -7.69
CA PHE A 260 -19.71 -12.33 -6.70
C PHE A 260 -19.83 -10.89 -7.22
N CYS A 261 -19.41 -10.68 -8.48
CA CYS A 261 -19.43 -9.40 -9.19
C CYS A 261 -20.86 -8.83 -9.26
N ARG A 262 -21.84 -9.69 -9.59
CA ARG A 262 -23.27 -9.35 -9.71
C ARG A 262 -23.85 -8.88 -8.36
N ARG A 263 -23.65 -9.68 -7.29
CA ARG A 263 -24.11 -9.38 -5.92
C ARG A 263 -23.54 -8.06 -5.38
N LEU A 264 -22.25 -7.77 -5.68
CA LEU A 264 -21.54 -6.55 -5.25
C LEU A 264 -22.16 -5.27 -5.84
N LYS A 265 -22.60 -5.34 -7.12
CA LYS A 265 -23.25 -4.23 -7.82
C LYS A 265 -24.65 -3.97 -7.26
N GLU A 266 -25.31 -5.03 -6.72
CA GLU A 266 -26.64 -4.98 -6.12
C GLU A 266 -26.62 -4.34 -4.73
N GLY A 267 -25.46 -4.37 -4.07
CA GLY A 267 -25.29 -3.79 -2.74
C GLY A 267 -24.80 -4.73 -1.65
N THR A 268 -24.38 -5.95 -2.02
CA THR A 268 -23.86 -6.94 -1.05
C THR A 268 -22.47 -6.49 -0.58
N ARG A 269 -22.31 -6.38 0.74
CA ARG A 269 -21.08 -5.94 1.40
C ARG A 269 -20.55 -7.02 2.32
N MET A 270 -19.29 -6.88 2.75
CA MET A 270 -18.62 -7.78 3.68
C MET A 270 -19.20 -7.61 5.09
N ARG A 271 -19.14 -8.68 5.91
CA ARG A 271 -19.56 -8.59 7.31
C ARG A 271 -18.39 -7.97 8.08
N ALA A 272 -18.68 -7.35 9.24
CA ALA A 272 -17.68 -6.71 10.10
C ALA A 272 -16.53 -7.64 10.50
N PRO A 273 -15.26 -7.17 10.42
CA PRO A 273 -14.14 -8.03 10.83
C PRO A 273 -14.08 -8.21 12.36
N ASP A 274 -13.47 -9.31 12.83
CA ASP A 274 -13.43 -9.71 14.25
C ASP A 274 -12.82 -8.71 15.26
N TYR A 275 -12.06 -7.71 14.79
CA TYR A 275 -11.40 -6.76 15.69
C TYR A 275 -11.86 -5.29 15.51
N THR A 276 -12.89 -5.07 14.69
CA THR A 276 -13.44 -3.74 14.40
C THR A 276 -14.22 -3.12 15.58
N THR A 277 -14.46 -1.79 15.50
CA THR A 277 -15.31 -1.04 16.41
C THR A 277 -16.53 -0.70 15.55
N PRO A 278 -17.79 -0.62 16.10
CA PRO A 278 -18.96 -0.31 15.25
C PRO A 278 -18.74 0.83 14.26
N GLU A 279 -18.14 1.95 14.71
CA GLU A 279 -17.82 3.15 13.92
C GLU A 279 -16.86 2.86 12.76
N MET A 280 -15.84 1.99 12.98
CA MET A 280 -14.87 1.58 11.96
C MET A 280 -15.55 0.78 10.85
N TYR A 281 -16.51 -0.11 11.21
CA TYR A 281 -17.27 -0.87 10.21
C TYR A 281 -18.25 0.05 9.49
N GLN A 282 -18.69 1.13 10.17
CA GLN A 282 -19.57 2.11 9.56
C GLN A 282 -18.75 2.88 8.54
N THR A 283 -17.50 3.25 8.89
CA THR A 283 -16.54 3.92 8.01
C THR A 283 -16.26 3.03 6.77
N MET A 284 -16.17 1.69 6.96
CA MET A 284 -16.00 0.73 5.86
C MET A 284 -17.20 0.83 4.94
N LEU A 285 -18.43 0.69 5.51
CA LEU A 285 -19.72 0.78 4.80
C LEU A 285 -19.87 2.08 4.02
N ASP A 286 -19.45 3.23 4.62
CA ASP A 286 -19.45 4.53 3.95
C ASP A 286 -18.53 4.51 2.72
N CYS A 287 -17.27 3.97 2.87
CA CYS A 287 -16.28 3.80 1.77
C CYS A 287 -16.84 2.88 0.69
N TRP A 288 -17.74 1.96 1.07
CA TRP A 288 -18.32 0.97 0.18
C TRP A 288 -19.66 1.41 -0.44
N HIS A 289 -20.03 2.70 -0.31
CA HIS A 289 -21.27 3.20 -0.92
C HIS A 289 -21.19 3.02 -2.43
N GLY A 290 -22.26 2.48 -3.02
CA GLY A 290 -22.40 2.20 -4.44
C GLY A 290 -22.05 3.36 -5.34
N GLU A 291 -22.56 4.55 -5.02
CA GLU A 291 -22.27 5.76 -5.78
C GLU A 291 -20.92 6.33 -5.38
N PRO A 292 -19.96 6.47 -6.33
CA PRO A 292 -18.62 6.99 -5.98
C PRO A 292 -18.60 8.40 -5.39
N SER A 293 -19.58 9.27 -5.79
CA SER A 293 -19.71 10.64 -5.29
C SER A 293 -20.17 10.68 -3.83
N GLN A 294 -20.87 9.62 -3.38
CA GLN A 294 -21.41 9.47 -2.02
C GLN A 294 -20.43 8.88 -1.02
N ARG A 295 -19.31 8.33 -1.53
CA ARG A 295 -18.26 7.79 -0.67
C ARG A 295 -17.52 8.99 -0.06
N PRO A 296 -16.97 8.89 1.17
CA PRO A 296 -16.24 10.05 1.72
C PRO A 296 -14.94 10.33 0.97
N THR A 297 -14.39 11.55 1.13
CA THR A 297 -13.12 11.93 0.51
C THR A 297 -12.00 11.52 1.45
N PHE A 298 -10.75 11.63 1.01
CA PHE A 298 -9.64 11.30 1.89
C PHE A 298 -9.47 12.37 2.98
N SER A 299 -9.77 13.65 2.62
CA SER A 299 -9.77 14.79 3.54
C SER A 299 -10.79 14.61 4.64
N GLU A 300 -11.99 14.04 4.31
CA GLU A 300 -13.06 13.77 5.29
C GLU A 300 -12.69 12.60 6.21
N LEU A 301 -12.02 11.56 5.66
CA LEU A 301 -11.57 10.37 6.39
C LEU A 301 -10.43 10.69 7.37
N VAL A 302 -9.58 11.69 7.04
CA VAL A 302 -8.48 12.17 7.88
C VAL A 302 -9.08 12.81 9.12
N GLU A 303 -10.05 13.74 8.95
CA GLU A 303 -10.69 14.38 10.08
C GLU A 303 -11.47 13.37 10.94
N HIS A 304 -12.24 12.46 10.30
CA HIS A 304 -13.03 11.42 10.97
C HIS A 304 -12.11 10.53 11.82
N LEU A 305 -11.12 9.86 11.18
CA LEU A 305 -10.14 8.97 11.83
C LEU A 305 -9.27 9.70 12.86
N GLY A 306 -9.04 10.98 12.62
CA GLY A 306 -8.30 11.86 13.52
C GLY A 306 -9.06 12.13 14.79
N ASN A 307 -10.41 12.25 14.69
CA ASN A 307 -11.31 12.44 15.83
C ASN A 307 -11.43 11.13 16.62
N LEU A 308 -11.47 9.99 15.90
CA LEU A 308 -11.56 8.65 16.50
C LEU A 308 -10.35 8.38 17.38
N LEU A 309 -9.15 8.78 16.92
CA LEU A 309 -7.88 8.62 17.63
C LEU A 309 -7.78 9.53 18.87
N GLN A 310 -8.38 10.74 18.81
CA GLN A 310 -8.41 11.70 19.91
C GLN A 310 -9.41 11.29 21.00
N ALA A 311 -10.53 10.64 20.60
CA ALA A 311 -11.56 10.14 21.54
C ALA A 311 -11.05 8.87 22.23
N ASN A 312 -10.25 8.06 21.49
CA ASN A 312 -9.61 6.81 21.93
C ASN A 312 -8.64 7.04 23.12
N ALA A 313 -8.03 8.25 23.21
CA ALA A 313 -7.12 8.62 24.28
C ALA A 313 -7.88 9.31 25.42
#